data_3MQ2
#
_entry.id   3MQ2
#
_cell.length_a   48.302
_cell.length_b   64.112
_cell.length_c   72.069
_cell.angle_alpha   90.00
_cell.angle_beta   104.61
_cell.angle_gamma   90.00
#
_symmetry.space_group_name_H-M   'P 1 21 1'
#
loop_
_entity.id
_entity.type
_entity.pdbx_description
1 polymer '16S rRNA methyltransferase'
2 non-polymer S-ADENOSYL-L-HOMOCYSTEINE
3 water water
#
_entity_poly.entity_id   1
_entity_poly.type   'polypeptide(L)'
_entity_poly.pdbx_seq_one_letter_code
;MGSMRRVVGKRVQEFSDAEFEQLRSQYDDVVLDVGTGDGKHPYKVARQNPSRLVVALDADKSRMEKISAKAAAKPAKGGL
PNLLYLWATAERLPPLSGVGELHVLMPWGSLLRGVLGSSPEMLRGMAAVCRPGASFLVALNLHAWRPSVPEVGEHPEPTP
DSADEWLAPRYAEAGWKLADCRYLEPEEVAGLETSWTRRLHSSRDRFDVLALTGTISP
;
_entity_poly.pdbx_strand_id   A,B
#
# COMPACT_ATOMS: atom_id res chain seq x y z
N MET A 4 -15.57 0.68 -6.32
CA MET A 4 -15.17 2.09 -6.34
C MET A 4 -15.47 2.73 -4.99
N ARG A 5 -14.59 3.63 -4.55
CA ARG A 5 -14.70 4.20 -3.23
C ARG A 5 -14.90 5.70 -3.36
N ARG A 6 -16.14 6.16 -3.27
CA ARG A 6 -16.44 7.57 -3.46
C ARG A 6 -16.07 8.36 -2.22
N VAL A 7 -15.46 9.51 -2.45
CA VAL A 7 -15.14 10.44 -1.37
C VAL A 7 -16.09 11.61 -1.38
N VAL A 8 -16.72 11.86 -0.23
CA VAL A 8 -17.54 13.07 -0.05
C VAL A 8 -17.24 13.65 1.34
N GLY A 9 -16.53 14.77 1.36
CA GLY A 9 -16.04 15.31 2.61
C GLY A 9 -15.17 14.27 3.31
N LYS A 10 -15.47 14.00 4.58
CA LYS A 10 -14.69 13.00 5.31
C LYS A 10 -15.26 11.59 5.16
N ARG A 11 -16.32 11.46 4.38
CA ARG A 11 -16.97 10.15 4.20
C ARG A 11 -16.41 9.43 2.99
N VAL A 12 -16.19 8.13 3.13
CA VAL A 12 -15.94 7.27 1.97
C VAL A 12 -17.11 6.32 1.87
N GLN A 13 -17.63 6.16 0.66
CA GLN A 13 -18.68 5.19 0.42
C GLN A 13 -18.39 4.33 -0.81
N GLU A 14 -18.23 3.03 -0.59
CA GLU A 14 -18.06 2.10 -1.69
C GLU A 14 -19.35 2.02 -2.46
N PHE A 15 -19.24 1.88 -3.78
CA PHE A 15 -20.41 1.61 -4.60
C PHE A 15 -20.04 0.72 -5.80
N SER A 16 -21.04 0.15 -6.43
CA SER A 16 -20.80 -0.91 -7.40
C SER A 16 -20.48 -0.41 -8.80
N ASP A 17 -19.77 -1.24 -9.57
CA ASP A 17 -19.50 -0.90 -10.95
CA ASP A 17 -19.51 -0.96 -10.97
C ASP A 17 -20.80 -0.74 -11.73
N ALA A 18 -21.83 -1.49 -11.34
CA ALA A 18 -23.13 -1.38 -11.99
C ALA A 18 -23.73 0.01 -11.77
N GLU A 19 -23.55 0.55 -10.56
CA GLU A 19 -24.02 1.89 -10.26
C GLU A 19 -23.24 2.93 -11.05
N PHE A 20 -21.94 2.71 -11.21
CA PHE A 20 -21.13 3.60 -12.02
C PHE A 20 -21.60 3.60 -13.46
N GLU A 21 -21.89 2.41 -13.98
CA GLU A 21 -22.33 2.28 -15.37
C GLU A 21 -23.61 3.05 -15.64
N GLN A 22 -24.55 2.95 -14.72
CA GLN A 22 -25.80 3.69 -14.85
C GLN A 22 -25.55 5.20 -14.87
N LEU A 23 -24.63 5.65 -14.02
CA LEU A 23 -24.28 7.06 -13.98
C LEU A 23 -23.64 7.49 -15.30
N ARG A 24 -22.59 6.78 -15.71
CA ARG A 24 -21.85 7.13 -16.90
C ARG A 24 -22.74 7.15 -18.13
N SER A 25 -23.74 6.26 -18.17
CA SER A 25 -24.54 6.09 -19.37
C SER A 25 -25.34 7.34 -19.71
N GLN A 26 -25.43 8.26 -18.74
CA GLN A 26 -26.18 9.49 -18.92
C GLN A 26 -25.35 10.60 -19.53
N TYR A 27 -24.04 10.37 -19.65
CA TYR A 27 -23.15 11.39 -20.17
C TYR A 27 -22.53 10.97 -21.50
N ASP A 28 -22.01 11.95 -22.23
CA ASP A 28 -21.45 11.71 -23.55
C ASP A 28 -20.13 10.99 -23.48
N ASP A 29 -19.35 11.28 -22.44
CA ASP A 29 -18.01 10.72 -22.32
C ASP A 29 -17.49 10.86 -20.90
N VAL A 30 -16.35 10.25 -20.62
CA VAL A 30 -15.77 10.31 -19.28
C VAL A 30 -14.37 10.89 -19.35
N VAL A 31 -14.06 11.81 -18.43
CA VAL A 31 -12.72 12.38 -18.27
C VAL A 31 -12.21 11.89 -16.93
N LEU A 32 -10.95 11.46 -16.86
CA LEU A 32 -10.38 10.98 -15.61
C LEU A 32 -9.15 11.80 -15.23
N ASP A 33 -9.11 12.31 -14.01
CA ASP A 33 -7.93 13.01 -13.50
C ASP A 33 -7.26 12.10 -12.46
N VAL A 34 -6.02 11.72 -12.72
CA VAL A 34 -5.27 10.80 -11.86
C VAL A 34 -4.31 11.57 -10.98
N GLY A 35 -4.42 11.42 -9.65
CA GLY A 35 -3.60 12.18 -8.74
C GLY A 35 -4.09 13.60 -8.60
N THR A 36 -5.37 13.76 -8.29
CA THR A 36 -6.05 15.05 -8.40
C THR A 36 -5.77 16.00 -7.23
N GLY A 37 -5.22 15.48 -6.14
CA GLY A 37 -4.85 16.34 -5.02
C GLY A 37 -6.09 16.96 -4.40
N ASP A 38 -6.12 18.29 -4.26
CA ASP A 38 -7.31 18.94 -3.70
C ASP A 38 -8.53 18.96 -4.64
N GLY A 39 -8.35 18.55 -5.90
CA GLY A 39 -9.48 18.35 -6.79
C GLY A 39 -10.05 19.58 -7.47
N LYS A 40 -9.33 20.69 -7.42
CA LYS A 40 -9.82 21.94 -8.03
C LYS A 40 -9.93 21.82 -9.55
N HIS A 41 -8.99 21.12 -10.16
CA HIS A 41 -8.96 20.99 -11.62
C HIS A 41 -10.20 20.28 -12.18
N PRO A 42 -10.50 19.08 -11.66
CA PRO A 42 -11.68 18.39 -12.21
C PRO A 42 -12.98 19.12 -11.90
N TYR A 43 -13.00 19.89 -10.83
CA TYR A 43 -14.18 20.69 -10.53
C TYR A 43 -14.40 21.69 -11.65
N LYS A 44 -13.33 22.35 -12.07
CA LYS A 44 -13.41 23.23 -13.23
C LYS A 44 -13.84 22.49 -14.49
N VAL A 45 -13.21 21.34 -14.75
CA VAL A 45 -13.56 20.57 -15.94
C VAL A 45 -15.05 20.20 -15.95
N ALA A 46 -15.55 19.71 -14.82
CA ALA A 46 -16.96 19.32 -14.74
C ALA A 46 -17.87 20.55 -14.93
N ARG A 47 -17.50 21.67 -14.30
CA ARG A 47 -18.29 22.89 -14.40
C ARG A 47 -18.41 23.31 -15.86
N GLN A 48 -17.30 23.21 -16.58
CA GLN A 48 -17.24 23.72 -17.95
C GLN A 48 -17.70 22.72 -19.01
N ASN A 49 -17.84 21.46 -18.59
CA ASN A 49 -18.25 20.38 -19.49
C ASN A 49 -19.43 19.58 -18.92
N PRO A 50 -20.62 20.21 -18.88
CA PRO A 50 -21.83 19.62 -18.28
C PRO A 50 -22.26 18.29 -18.89
N SER A 51 -21.84 18.01 -20.12
CA SER A 51 -22.26 16.80 -20.81
C SER A 51 -21.30 15.61 -20.63
N ARG A 52 -20.20 15.83 -19.91
CA ARG A 52 -19.25 14.75 -19.66
C ARG A 52 -19.18 14.44 -18.18
N LEU A 53 -18.92 13.18 -17.86
CA LEU A 53 -18.75 12.76 -16.47
C LEU A 53 -17.28 12.87 -16.14
N VAL A 54 -16.96 13.56 -15.05
CA VAL A 54 -15.56 13.76 -14.67
C VAL A 54 -15.29 12.96 -13.43
N VAL A 55 -14.29 12.08 -13.51
CA VAL A 55 -13.90 11.23 -12.40
C VAL A 55 -12.50 11.68 -11.98
N ALA A 56 -12.26 11.81 -10.67
CA ALA A 56 -10.94 12.24 -10.23
C ALA A 56 -10.55 11.40 -9.04
N LEU A 57 -9.29 11.00 -8.99
CA LEU A 57 -8.88 10.15 -7.89
C LEU A 57 -7.55 10.60 -7.29
N ASP A 58 -7.35 10.24 -6.03
CA ASP A 58 -6.06 10.47 -5.39
C ASP A 58 -5.86 9.39 -4.36
N ALA A 59 -4.61 9.08 -4.09
CA ALA A 59 -4.25 8.10 -3.04
C ALA A 59 -4.60 8.62 -1.65
N ASP A 60 -4.62 9.94 -1.49
CA ASP A 60 -4.87 10.56 -0.18
C ASP A 60 -6.28 11.15 -0.10
N LYS A 61 -7.18 10.48 0.61
CA LYS A 61 -8.57 10.91 0.65
C LYS A 61 -8.75 12.25 1.33
N SER A 62 -7.88 12.58 2.28
CA SER A 62 -8.03 13.83 3.04
C SER A 62 -7.92 15.08 2.17
N ARG A 63 -7.14 14.99 1.09
CA ARG A 63 -6.92 16.16 0.23
C ARG A 63 -8.20 16.61 -0.46
N MET A 64 -9.06 15.65 -0.77
CA MET A 64 -10.27 15.91 -1.52
C MET A 64 -11.47 16.30 -0.67
N GLU A 65 -11.28 16.40 0.64
CA GLU A 65 -12.41 16.58 1.55
C GLU A 65 -13.30 17.78 1.19
N LYS A 66 -12.71 18.98 1.21
CA LYS A 66 -13.48 20.21 0.99
C LYS A 66 -14.23 20.25 -0.34
N ILE A 67 -13.50 20.00 -1.44
CA ILE A 67 -14.10 20.17 -2.76
C ILE A 67 -15.13 19.07 -3.07
N SER A 68 -14.87 17.86 -2.61
CA SER A 68 -15.80 16.76 -2.83
C SER A 68 -17.12 16.99 -2.08
N ALA A 69 -17.03 17.62 -0.90
CA ALA A 69 -18.23 17.95 -0.14
C ALA A 69 -19.04 19.01 -0.87
N LYS A 70 -18.34 20.02 -1.40
CA LYS A 70 -19.00 21.08 -2.14
C LYS A 70 -19.66 20.53 -3.41
N ALA A 71 -18.95 19.65 -4.11
CA ALA A 71 -19.47 19.09 -5.36
C ALA A 71 -20.70 18.22 -5.13
N ALA A 72 -20.84 17.70 -3.92
CA ALA A 72 -21.96 16.82 -3.60
C ALA A 72 -23.14 17.57 -3.01
N ALA A 73 -22.99 18.89 -2.90
CA ALA A 73 -24.03 19.75 -2.34
C ALA A 73 -25.06 20.08 -3.40
N LYS A 74 -26.07 20.86 -3.04
CA LYS A 74 -27.04 21.29 -4.04
C LYS A 74 -26.36 22.24 -5.02
N PRO A 75 -26.86 22.27 -6.27
CA PRO A 75 -26.31 23.13 -7.33
C PRO A 75 -26.11 24.58 -6.90
N ALA A 76 -27.04 25.13 -6.15
CA ALA A 76 -26.95 26.53 -5.74
C ALA A 76 -25.77 26.78 -4.81
N LYS A 77 -25.28 25.70 -4.20
CA LYS A 77 -24.16 25.79 -3.25
C LYS A 77 -22.88 25.22 -3.85
N GLY A 78 -22.85 25.06 -5.16
CA GLY A 78 -21.66 24.61 -5.85
C GLY A 78 -21.66 23.14 -6.22
N GLY A 79 -22.79 22.46 -6.01
CA GLY A 79 -22.89 21.05 -6.35
C GLY A 79 -22.81 20.84 -7.85
N LEU A 80 -22.21 19.72 -8.25
CA LEU A 80 -22.13 19.30 -9.64
C LEU A 80 -22.47 17.82 -9.75
N PRO A 81 -23.44 17.47 -10.61
CA PRO A 81 -23.87 16.08 -10.74
C PRO A 81 -22.90 15.22 -11.53
N ASN A 82 -22.04 15.86 -12.31
CA ASN A 82 -21.17 15.15 -13.25
C ASN A 82 -19.73 15.06 -12.78
N LEU A 83 -19.57 14.94 -11.46
CA LEU A 83 -18.24 14.94 -10.86
C LEU A 83 -18.19 13.90 -9.73
N LEU A 84 -17.20 13.03 -9.81
CA LEU A 84 -17.08 11.95 -8.85
C LEU A 84 -15.62 11.87 -8.40
N TYR A 85 -15.41 12.00 -7.09
CA TYR A 85 -14.09 11.84 -6.50
C TYR A 85 -13.94 10.44 -5.91
N LEU A 86 -12.82 9.78 -6.23
CA LEU A 86 -12.59 8.41 -5.80
C LEU A 86 -11.26 8.29 -5.05
N TRP A 87 -11.21 7.35 -4.11
CA TRP A 87 -10.00 7.11 -3.33
C TRP A 87 -9.28 5.95 -3.96
N ALA A 88 -8.14 6.20 -4.60
CA ALA A 88 -7.43 5.12 -5.28
C ALA A 88 -6.05 5.57 -5.71
N THR A 89 -5.14 4.61 -5.82
CA THR A 89 -3.80 4.90 -6.34
C THR A 89 -3.72 4.57 -7.83
N ALA A 90 -2.71 5.14 -8.49
CA ALA A 90 -2.48 4.81 -9.88
C ALA A 90 -2.03 3.36 -10.06
N GLU A 91 -1.45 2.77 -9.03
CA GLU A 91 -1.06 1.37 -9.07
C GLU A 91 -2.26 0.43 -9.04
N ARG A 92 -3.32 0.88 -8.37
CA ARG A 92 -4.53 0.07 -8.22
C ARG A 92 -5.76 0.87 -8.59
N LEU A 93 -5.88 1.16 -9.87
CA LEU A 93 -6.97 2.00 -10.35
C LEU A 93 -8.32 1.34 -10.12
N PRO A 94 -9.37 2.16 -9.98
CA PRO A 94 -10.74 1.64 -9.90
C PRO A 94 -11.09 0.93 -11.21
N PRO A 95 -12.13 0.09 -11.17
CA PRO A 95 -12.58 -0.68 -12.33
C PRO A 95 -13.30 0.20 -13.34
N LEU A 96 -12.60 1.22 -13.84
CA LEU A 96 -13.14 2.11 -14.85
C LEU A 96 -12.89 1.52 -16.23
N SER A 97 -13.78 1.79 -17.18
CA SER A 97 -13.54 1.34 -18.53
C SER A 97 -14.01 2.42 -19.51
N GLY A 98 -13.35 2.47 -20.65
CA GLY A 98 -13.76 3.37 -21.73
C GLY A 98 -13.61 4.86 -21.47
N VAL A 99 -12.71 5.24 -20.58
CA VAL A 99 -12.42 6.67 -20.36
C VAL A 99 -11.99 7.30 -21.70
N GLY A 100 -12.45 8.52 -21.97
CA GLY A 100 -12.17 9.19 -23.24
C GLY A 100 -11.10 10.26 -23.19
N GLU A 101 -10.75 10.70 -21.99
CA GLU A 101 -9.73 11.74 -21.83
C GLU A 101 -9.12 11.54 -20.45
N LEU A 102 -7.79 11.51 -20.42
CA LEU A 102 -7.04 11.22 -19.20
C LEU A 102 -6.07 12.38 -18.90
N HIS A 103 -6.13 12.89 -17.67
CA HIS A 103 -5.21 13.94 -17.23
C HIS A 103 -4.32 13.45 -16.10
N VAL A 104 -3.05 13.79 -16.17
CA VAL A 104 -2.14 13.58 -15.05
C VAL A 104 -1.38 14.88 -14.88
N LEU A 105 -1.72 15.66 -13.85
CA LEU A 105 -1.19 17.03 -13.75
C LEU A 105 -0.23 17.17 -12.58
N MET A 106 0.97 17.64 -12.86
CA MET A 106 1.98 17.88 -11.82
C MET A 106 2.24 16.68 -10.92
N PRO A 107 2.48 15.50 -11.50
CA PRO A 107 2.66 14.33 -10.65
C PRO A 107 3.96 14.39 -9.86
N TRP A 108 3.97 13.73 -8.70
CA TRP A 108 5.21 13.43 -8.00
C TRP A 108 5.10 12.03 -7.42
N GLY A 109 6.18 11.55 -6.79
CA GLY A 109 6.16 10.23 -6.21
C GLY A 109 6.08 9.16 -7.28
N SER A 110 5.41 8.06 -6.97
CA SER A 110 5.42 6.91 -7.87
C SER A 110 4.66 7.19 -9.16
N LEU A 111 3.70 8.11 -9.11
CA LEU A 111 2.96 8.49 -10.32
C LEU A 111 3.90 9.19 -11.31
N LEU A 112 4.82 10.00 -10.77
CA LEU A 112 5.76 10.68 -11.64
C LEU A 112 6.73 9.65 -12.21
N ARG A 113 7.24 8.78 -11.36
CA ARG A 113 8.13 7.74 -11.84
C ARG A 113 7.44 6.97 -12.97
N GLY A 114 6.15 6.70 -12.77
CA GLY A 114 5.36 5.96 -13.74
C GLY A 114 5.25 6.66 -15.09
N VAL A 115 4.99 7.96 -15.09
CA VAL A 115 4.81 8.67 -16.34
C VAL A 115 6.12 9.00 -17.06
N LEU A 116 7.25 8.68 -16.44
CA LEU A 116 8.54 8.74 -17.15
C LEU A 116 8.78 7.46 -17.95
N GLY A 117 8.04 6.42 -17.60
CA GLY A 117 7.99 5.21 -18.40
C GLY A 117 9.25 4.36 -18.48
N SER A 118 10.10 4.42 -17.46
CA SER A 118 11.27 3.55 -17.43
C SER A 118 10.79 2.11 -17.36
N SER A 119 9.68 1.92 -16.64
CA SER A 119 8.92 0.68 -16.70
C SER A 119 7.56 1.05 -17.26
N PRO A 120 6.98 0.17 -18.09
CA PRO A 120 5.70 0.51 -18.72
C PRO A 120 4.44 0.16 -17.91
N GLU A 121 4.59 -0.47 -16.74
CA GLU A 121 3.44 -1.01 -16.02
CA GLU A 121 3.45 -1.01 -16.02
C GLU A 121 2.40 0.03 -15.63
N MET A 122 2.83 1.15 -15.10
CA MET A 122 1.83 2.13 -14.68
C MET A 122 1.13 2.76 -15.86
N LEU A 123 1.87 3.11 -16.91
CA LEU A 123 1.26 3.67 -18.13
C LEU A 123 0.26 2.68 -18.71
N ARG A 124 0.61 1.41 -18.70
CA ARG A 124 -0.30 0.38 -19.21
C ARG A 124 -1.56 0.26 -18.36
N GLY A 125 -1.41 0.42 -17.04
CA GLY A 125 -2.56 0.34 -16.16
C GLY A 125 -3.53 1.50 -16.39
N MET A 126 -2.97 2.67 -16.66
CA MET A 126 -3.80 3.83 -16.95
C MET A 126 -4.45 3.69 -18.32
N ALA A 127 -3.69 3.18 -19.28
CA ALA A 127 -4.26 2.95 -20.61
C ALA A 127 -5.40 1.95 -20.53
N ALA A 128 -5.32 1.02 -19.59
CA ALA A 128 -6.35 -0.02 -19.45
C ALA A 128 -7.76 0.53 -19.26
N VAL A 129 -7.88 1.64 -18.53
CA VAL A 129 -9.19 2.19 -18.23
C VAL A 129 -9.70 3.10 -19.34
N CYS A 130 -8.86 3.32 -20.35
CA CYS A 130 -9.23 4.21 -21.45
C CYS A 130 -9.64 3.41 -22.67
N ARG A 131 -10.52 3.97 -23.47
CA ARG A 131 -10.77 3.37 -24.78
C ARG A 131 -9.61 3.71 -25.71
N PRO A 132 -9.36 2.82 -26.68
CA PRO A 132 -8.42 3.20 -27.73
C PRO A 132 -8.90 4.49 -28.38
N GLY A 133 -8.00 5.44 -28.61
CA GLY A 133 -8.34 6.73 -29.19
C GLY A 133 -8.57 7.82 -28.16
N ALA A 134 -8.59 7.44 -26.87
CA ALA A 134 -8.70 8.42 -25.80
C ALA A 134 -7.57 9.43 -25.88
N SER A 135 -7.84 10.67 -25.51
CA SER A 135 -6.79 11.69 -25.46
CA SER A 135 -6.80 11.69 -25.46
C SER A 135 -6.15 11.70 -24.09
N PHE A 136 -4.90 12.14 -24.02
CA PHE A 136 -4.23 12.29 -22.73
C PHE A 136 -3.45 13.59 -22.65
N LEU A 137 -3.31 14.07 -21.42
CA LEU A 137 -2.46 15.20 -21.09
C LEU A 137 -1.67 14.82 -19.86
N VAL A 138 -0.34 14.79 -19.99
CA VAL A 138 0.53 14.66 -18.82
C VAL A 138 1.27 15.98 -18.69
N ALA A 139 1.07 16.67 -17.58
CA ALA A 139 1.73 17.97 -17.43
C ALA A 139 2.81 17.79 -16.38
N LEU A 140 4.06 17.74 -16.85
CA LEU A 140 5.17 17.48 -15.95
C LEU A 140 5.58 18.76 -15.23
N ASN A 141 5.69 18.67 -13.91
CA ASN A 141 6.27 19.77 -13.13
C ASN A 141 7.78 19.65 -13.22
N LEU A 142 8.40 20.56 -13.97
CA LEU A 142 9.83 20.47 -14.23
C LEU A 142 10.67 20.71 -12.97
N HIS A 143 10.05 21.19 -11.90
CA HIS A 143 10.78 21.38 -10.65
C HIS A 143 11.20 20.07 -10.02
N ALA A 144 10.68 18.96 -10.54
CA ALA A 144 11.13 17.64 -10.11
C ALA A 144 12.59 17.45 -10.51
N TRP A 145 13.12 18.38 -11.30
CA TRP A 145 14.52 18.32 -11.73
C TRP A 145 15.29 19.55 -11.27
N ARG A 146 14.73 20.30 -10.34
CA ARG A 146 15.31 21.59 -9.96
C ARG A 146 15.35 21.74 -8.44
N PRO A 147 16.12 20.87 -7.76
CA PRO A 147 16.98 19.82 -8.33
C PRO A 147 16.26 18.47 -8.39
N SER A 148 16.93 17.48 -8.98
CA SER A 148 16.30 16.16 -9.15
C SER A 148 15.80 15.57 -7.83
N VAL A 149 14.53 15.17 -7.82
CA VAL A 149 13.94 14.49 -6.67
C VAL A 149 14.24 12.99 -6.79
N PRO A 150 14.14 12.25 -5.69
CA PRO A 150 14.53 10.83 -5.73
C PRO A 150 13.81 10.05 -6.84
N GLU A 151 12.53 10.33 -7.06
CA GLU A 151 11.74 9.49 -7.95
C GLU A 151 12.03 9.66 -9.44
N VAL A 152 12.77 10.71 -9.82
CA VAL A 152 13.18 10.85 -11.22
C VAL A 152 14.55 10.21 -11.49
N GLY A 153 15.19 9.74 -10.42
CA GLY A 153 16.46 9.05 -10.56
C GLY A 153 17.47 9.86 -11.37
N GLU A 154 18.09 9.22 -12.36
CA GLU A 154 19.07 9.90 -13.20
C GLU A 154 18.48 10.45 -14.49
N HIS A 155 17.15 10.48 -14.59
CA HIS A 155 16.51 11.05 -15.77
C HIS A 155 16.86 12.52 -15.87
N PRO A 156 17.36 12.96 -17.04
CA PRO A 156 17.60 14.39 -17.24
C PRO A 156 16.27 15.12 -17.34
N GLU A 157 16.25 16.43 -17.09
CA GLU A 157 15.01 17.19 -17.24
C GLU A 157 14.56 17.13 -18.70
N PRO A 158 13.30 16.72 -18.93
CA PRO A 158 12.87 16.60 -20.33
C PRO A 158 12.56 17.95 -20.97
N THR A 159 12.80 18.02 -22.28
CA THR A 159 12.49 19.21 -23.05
C THR A 159 11.60 18.76 -24.18
N PRO A 160 10.96 19.71 -24.88
CA PRO A 160 10.13 19.33 -26.01
C PRO A 160 10.89 18.40 -26.96
N ASP A 161 12.14 18.72 -27.25
CA ASP A 161 12.90 17.90 -28.19
C ASP A 161 13.33 16.56 -27.60
N SER A 162 13.85 16.57 -26.39
CA SER A 162 14.37 15.34 -25.79
C SER A 162 13.23 14.37 -25.53
N ALA A 163 12.06 14.90 -25.20
CA ALA A 163 10.89 14.08 -24.94
C ALA A 163 10.48 13.35 -26.22
N ASP A 164 10.45 14.08 -27.32
CA ASP A 164 10.21 13.47 -28.62
C ASP A 164 11.21 12.35 -28.85
N GLU A 165 12.39 12.48 -28.24
CA GLU A 165 13.48 11.55 -28.47
C GLU A 165 13.39 10.28 -27.63
N TRP A 166 13.38 10.44 -26.30
CA TRP A 166 13.42 9.28 -25.41
C TRP A 166 12.12 8.95 -24.67
N LEU A 167 11.19 9.89 -24.60
CA LEU A 167 9.90 9.62 -23.96
C LEU A 167 8.92 8.96 -24.93
N ALA A 168 8.89 9.44 -26.18
CA ALA A 168 7.96 8.87 -27.15
C ALA A 168 8.07 7.36 -27.28
N PRO A 169 9.30 6.84 -27.44
CA PRO A 169 9.49 5.39 -27.59
C PRO A 169 8.97 4.63 -26.38
N ARG A 170 9.23 5.14 -25.19
CA ARG A 170 8.75 4.52 -23.97
C ARG A 170 7.24 4.54 -23.89
N TYR A 171 6.64 5.66 -24.30
CA TYR A 171 5.19 5.76 -24.27
C TYR A 171 4.58 4.75 -25.24
N ALA A 172 5.17 4.64 -26.43
CA ALA A 172 4.67 3.71 -27.45
C ALA A 172 4.69 2.26 -26.95
N GLU A 173 5.76 1.89 -26.25
CA GLU A 173 5.88 0.55 -25.68
C GLU A 173 4.71 0.25 -24.75
N ALA A 174 4.18 1.28 -24.12
CA ALA A 174 3.11 1.14 -23.14
C ALA A 174 1.74 1.42 -23.74
N GLY A 175 1.71 1.69 -25.04
CA GLY A 175 0.45 1.94 -25.73
C GLY A 175 -0.05 3.37 -25.70
N TRP A 176 0.86 4.32 -25.46
CA TRP A 176 0.52 5.74 -25.57
C TRP A 176 1.21 6.37 -26.77
N LYS A 177 0.43 7.02 -27.62
CA LYS A 177 0.97 7.73 -28.78
CA LYS A 177 1.00 7.73 -28.77
C LYS A 177 1.28 9.17 -28.38
N LEU A 178 2.55 9.48 -28.18
CA LEU A 178 2.94 10.84 -27.78
C LEU A 178 3.03 11.72 -29.01
N ALA A 179 2.04 12.61 -29.16
CA ALA A 179 1.90 13.40 -30.39
C ALA A 179 2.54 14.77 -30.26
N ASP A 180 2.54 15.32 -29.06
CA ASP A 180 3.03 16.67 -28.88
C ASP A 180 3.70 16.86 -27.52
N CYS A 181 4.78 17.63 -27.52
N CYS A 181 4.75 17.67 -27.51
CA CYS A 181 5.46 18.00 -26.29
CA CYS A 181 5.45 17.99 -26.27
C CYS A 181 5.77 19.49 -26.35
C CYS A 181 5.86 19.46 -26.27
N ARG A 182 5.27 20.25 -25.39
CA ARG A 182 5.56 21.69 -25.38
CA ARG A 182 5.56 21.69 -25.38
C ARG A 182 5.53 22.28 -23.97
N TYR A 183 6.29 23.35 -23.79
CA TYR A 183 6.26 24.09 -22.54
C TYR A 183 4.94 24.84 -22.43
N LEU A 184 4.41 24.91 -21.22
CA LEU A 184 3.24 25.72 -20.94
C LEU A 184 3.67 26.99 -20.23
N GLU A 185 3.15 28.14 -20.68
CA GLU A 185 3.35 29.40 -19.97
C GLU A 185 2.69 29.30 -18.60
N PRO A 186 3.21 30.06 -17.63
CA PRO A 186 2.62 30.06 -16.28
C PRO A 186 1.13 30.38 -16.31
N GLU A 187 0.71 31.25 -17.24
CA GLU A 187 -0.70 31.57 -17.37
C GLU A 187 -1.52 30.37 -17.86
N GLU A 188 -0.90 29.52 -18.69
CA GLU A 188 -1.57 28.32 -19.20
C GLU A 188 -1.72 27.28 -18.09
N VAL A 189 -0.67 27.15 -17.29
CA VAL A 189 -0.70 26.29 -16.10
C VAL A 189 -1.82 26.76 -15.16
N ALA A 190 -1.93 28.08 -15.02
CA ALA A 190 -2.95 28.65 -14.14
C ALA A 190 -4.36 28.31 -14.62
N GLY A 191 -4.54 28.23 -15.94
CA GLY A 191 -5.82 27.90 -16.52
C GLY A 191 -6.28 26.49 -16.19
N LEU A 192 -5.32 25.62 -15.87
CA LEU A 192 -5.66 24.25 -15.47
C LEU A 192 -6.35 24.21 -14.12
N GLU A 193 -6.20 25.28 -13.35
CA GLU A 193 -6.81 25.40 -12.03
C GLU A 193 -6.36 24.33 -11.05
N THR A 194 -5.05 24.12 -10.94
CA THR A 194 -4.55 23.24 -9.87
C THR A 194 -3.96 24.06 -8.73
N SER A 195 -3.83 23.42 -7.57
CA SER A 195 -3.28 24.08 -6.38
C SER A 195 -1.83 24.48 -6.60
N TRP A 196 -1.23 23.96 -7.67
CA TRP A 196 0.19 24.18 -7.88
C TRP A 196 0.48 25.59 -8.37
N THR A 197 -0.54 26.27 -8.90
CA THR A 197 -0.38 27.63 -9.38
C THR A 197 0.22 28.51 -8.28
N ARG A 198 -0.27 28.33 -7.06
CA ARG A 198 0.18 29.14 -5.95
C ARG A 198 1.65 28.84 -5.62
N ARG A 199 1.99 27.57 -5.55
CA ARG A 199 3.36 27.16 -5.26
C ARG A 199 4.31 27.67 -6.32
N LEU A 200 3.86 27.66 -7.57
CA LEU A 200 4.69 28.09 -8.68
C LEU A 200 4.71 29.60 -8.92
N HIS A 201 3.85 30.35 -8.24
CA HIS A 201 3.74 31.78 -8.50
C HIS A 201 5.06 32.51 -8.25
N SER A 202 5.84 32.02 -7.30
CA SER A 202 7.11 32.63 -6.96
C SER A 202 8.29 32.18 -7.83
N SER A 203 8.04 31.22 -8.71
CA SER A 203 9.11 30.73 -9.59
C SER A 203 9.66 31.85 -10.44
N ARG A 204 10.97 31.81 -10.67
CA ARG A 204 11.62 32.77 -11.55
C ARG A 204 12.03 32.10 -12.85
N ASP A 205 11.70 30.81 -12.99
CA ASP A 205 12.05 30.08 -14.21
C ASP A 205 11.18 30.52 -15.39
N ARG A 206 11.70 30.38 -16.60
CA ARG A 206 10.94 30.75 -17.79
C ARG A 206 9.67 29.92 -17.90
N PHE A 207 9.81 28.61 -17.74
CA PHE A 207 8.68 27.69 -17.74
C PHE A 207 8.82 26.74 -16.58
N ASP A 208 7.69 26.32 -16.03
CA ASP A 208 7.67 25.37 -14.93
C ASP A 208 7.11 24.03 -15.34
N VAL A 209 6.44 23.98 -16.48
CA VAL A 209 5.67 22.78 -16.84
C VAL A 209 5.90 22.41 -18.30
N LEU A 210 6.03 21.12 -18.56
CA LEU A 210 6.12 20.58 -19.91
C LEU A 210 4.87 19.72 -20.13
N ALA A 211 4.10 20.05 -21.16
CA ALA A 211 2.87 19.31 -21.49
C ALA A 211 3.11 18.23 -22.53
N LEU A 212 2.77 17.00 -22.18
CA LEU A 212 2.83 15.87 -23.10
C LEU A 212 1.41 15.51 -23.47
N THR A 213 1.08 15.55 -24.76
CA THR A 213 -0.27 15.18 -25.17
C THR A 213 -0.26 14.15 -26.28
N GLY A 214 -1.36 13.43 -26.41
CA GLY A 214 -1.45 12.42 -27.44
C GLY A 214 -2.72 11.59 -27.26
N THR A 215 -2.67 10.38 -27.76
CA THR A 215 -3.81 9.48 -27.74
C THR A 215 -3.38 8.11 -27.24
N ILE A 216 -4.32 7.39 -26.64
CA ILE A 216 -4.07 6.03 -26.20
C ILE A 216 -4.23 5.11 -27.41
N SER A 217 -3.19 4.33 -27.70
CA SER A 217 -3.16 3.53 -28.92
C SER A 217 -2.44 2.23 -28.60
N PRO A 218 -3.16 1.26 -28.02
N PRO A 218 -3.18 1.25 -28.05
CA PRO A 218 -2.57 -0.02 -27.61
CA PRO A 218 -2.64 -0.01 -27.53
C PRO A 218 -2.26 -0.97 -28.76
C PRO A 218 -1.67 -0.67 -28.50
N MET B 4 12.40 -28.13 22.34
CA MET B 4 11.95 -27.45 21.13
C MET B 4 12.23 -28.33 19.92
N ARG B 5 11.50 -28.11 18.84
CA ARG B 5 11.64 -28.94 17.67
C ARG B 5 12.09 -28.08 16.51
N ARG B 6 13.39 -28.16 16.20
CA ARG B 6 13.95 -27.36 15.12
C ARG B 6 13.71 -28.02 13.77
N VAL B 7 13.23 -27.22 12.81
CA VAL B 7 12.99 -27.71 11.47
C VAL B 7 14.16 -27.36 10.57
N VAL B 8 14.74 -28.37 9.92
CA VAL B 8 15.76 -28.13 8.91
C VAL B 8 15.47 -29.02 7.71
N GLY B 9 15.02 -28.41 6.61
CA GLY B 9 14.54 -29.18 5.49
C GLY B 9 13.43 -30.12 5.96
N LYS B 10 13.55 -31.40 5.61
CA LYS B 10 12.55 -32.39 6.02
C LYS B 10 12.84 -32.96 7.41
N ARG B 11 13.94 -32.53 8.01
CA ARG B 11 14.35 -33.06 9.30
C ARG B 11 13.82 -32.24 10.47
N VAL B 12 13.43 -32.93 11.54
CA VAL B 12 13.10 -32.26 12.79
C VAL B 12 14.13 -32.65 13.85
N GLN B 13 14.78 -31.67 14.43
CA GLN B 13 15.83 -31.90 15.42
C GLN B 13 15.40 -31.43 16.80
N GLU B 14 15.44 -32.33 17.78
CA GLU B 14 15.19 -31.96 19.16
C GLU B 14 16.22 -30.94 19.61
N PHE B 15 15.76 -29.92 20.31
CA PHE B 15 16.58 -28.75 20.62
C PHE B 15 16.27 -28.32 22.06
N SER B 16 17.15 -28.67 22.98
CA SER B 16 16.88 -28.47 24.40
C SER B 16 16.90 -27.00 24.83
N ASP B 17 16.32 -26.73 26.00
CA ASP B 17 16.37 -25.39 26.58
C ASP B 17 17.82 -24.93 26.75
N ALA B 18 18.67 -25.85 27.20
CA ALA B 18 20.08 -25.55 27.41
C ALA B 18 20.73 -25.09 26.11
N GLU B 19 20.43 -25.80 25.03
CA GLU B 19 21.00 -25.46 23.73
C GLU B 19 20.49 -24.11 23.24
N PHE B 20 19.21 -23.83 23.52
CA PHE B 20 18.66 -22.54 23.14
C PHE B 20 19.36 -21.39 23.86
N GLU B 21 19.60 -21.57 25.15
CA GLU B 21 20.29 -20.55 25.92
C GLU B 21 21.70 -20.29 25.41
N GLN B 22 22.40 -21.36 25.02
CA GLN B 22 23.73 -21.22 24.43
C GLN B 22 23.65 -20.33 23.20
N LEU B 23 22.70 -20.64 22.32
CA LEU B 23 22.51 -19.88 21.08
C LEU B 23 22.14 -18.43 21.37
N ARG B 24 21.10 -18.24 22.19
CA ARG B 24 20.61 -16.89 22.47
C ARG B 24 21.67 -16.02 23.13
N SER B 25 22.55 -16.63 23.93
CA SER B 25 23.56 -15.87 24.65
C SER B 25 24.59 -15.28 23.70
N GLN B 26 24.57 -15.73 22.45
CA GLN B 26 25.47 -15.18 21.43
C GLN B 26 24.92 -13.89 20.83
N TYR B 27 23.66 -13.57 21.13
CA TYR B 27 23.01 -12.43 20.49
C TYR B 27 22.51 -11.36 21.42
N ASP B 28 22.23 -10.18 20.86
CA ASP B 28 21.83 -9.04 21.66
C ASP B 28 20.39 -9.15 22.17
N ASP B 29 19.54 -9.81 21.40
CA ASP B 29 18.12 -9.86 21.72
C ASP B 29 17.48 -10.89 20.80
N VAL B 30 16.21 -11.22 21.06
CA VAL B 30 15.51 -12.25 20.28
C VAL B 30 14.25 -11.67 19.65
N VAL B 31 14.02 -12.01 18.37
CA VAL B 31 12.79 -11.64 17.67
C VAL B 31 12.03 -12.93 17.41
N LEU B 32 10.71 -12.92 17.58
CA LEU B 32 9.91 -14.12 17.36
C LEU B 32 8.82 -13.83 16.35
N ASP B 33 8.71 -14.68 15.33
CA ASP B 33 7.64 -14.57 14.34
C ASP B 33 6.70 -15.76 14.56
N VAL B 34 5.43 -15.50 14.88
CA VAL B 34 4.47 -16.57 15.18
C VAL B 34 3.55 -16.79 13.98
N GLY B 35 3.48 -18.03 13.50
CA GLY B 35 2.70 -18.31 12.32
C GLY B 35 3.41 -17.87 11.07
N THR B 36 4.67 -18.29 10.92
CA THR B 36 5.55 -17.76 9.88
C THR B 36 5.28 -18.30 8.47
N GLY B 37 4.50 -19.38 8.35
CA GLY B 37 4.19 -19.91 7.04
C GLY B 37 5.44 -20.38 6.32
N ASP B 38 5.71 -19.84 5.12
CA ASP B 38 6.89 -20.26 4.38
C ASP B 38 8.18 -19.66 4.93
N GLY B 39 8.06 -18.75 5.90
CA GLY B 39 9.22 -18.27 6.63
C GLY B 39 10.08 -17.23 5.94
N LYS B 40 9.57 -16.64 4.86
CA LYS B 40 10.37 -15.65 4.14
C LYS B 40 10.60 -14.37 4.92
N HIS B 41 9.63 -14.02 5.77
CA HIS B 41 9.74 -12.78 6.55
C HIS B 41 10.90 -12.83 7.55
N PRO B 42 10.94 -13.86 8.41
CA PRO B 42 12.04 -13.90 9.38
C PRO B 42 13.37 -14.10 8.69
N TYR B 43 13.36 -14.66 7.48
CA TYR B 43 14.60 -14.81 6.73
C TYR B 43 15.16 -13.42 6.40
N LYS B 44 14.27 -12.53 5.97
CA LYS B 44 14.68 -11.14 5.77
C LYS B 44 15.13 -10.48 7.07
N VAL B 45 14.34 -10.63 8.13
CA VAL B 45 14.67 -10.02 9.41
C VAL B 45 16.04 -10.45 9.92
N ALA B 46 16.31 -11.76 9.87
CA ALA B 46 17.60 -12.26 10.32
C ALA B 46 18.75 -11.67 9.51
N ARG B 47 18.62 -11.61 8.20
CA ARG B 47 19.71 -11.07 7.39
C ARG B 47 19.96 -9.59 7.72
N GLN B 48 18.89 -8.84 7.97
CA GLN B 48 19.01 -7.40 8.20
C GLN B 48 19.39 -7.05 9.65
N ASN B 49 19.38 -8.05 10.53
CA ASN B 49 19.64 -7.86 11.95
C ASN B 49 20.58 -8.93 12.47
N PRO B 50 21.84 -8.92 11.99
CA PRO B 50 22.77 -10.01 12.33
C PRO B 50 23.12 -10.11 13.81
N SER B 51 22.81 -9.08 14.59
N SER B 51 22.83 -9.09 14.60
CA SER B 51 23.11 -9.05 16.03
CA SER B 51 23.16 -9.17 16.03
C SER B 51 21.94 -9.54 16.87
C SER B 51 22.02 -9.76 16.84
N ARG B 52 20.86 -9.94 16.22
CA ARG B 52 19.72 -10.49 16.94
C ARG B 52 19.42 -11.91 16.50
N LEU B 53 18.93 -12.71 17.44
CA LEU B 53 18.48 -14.06 17.11
C LEU B 53 17.02 -14.00 16.68
N VAL B 54 16.71 -14.56 15.52
CA VAL B 54 15.35 -14.59 15.01
C VAL B 54 14.81 -16.00 15.08
N VAL B 55 13.69 -16.17 15.78
CA VAL B 55 13.04 -17.46 15.93
C VAL B 55 11.70 -17.36 15.22
N ALA B 56 11.36 -18.38 14.43
CA ALA B 56 10.10 -18.35 13.70
C ALA B 56 9.42 -19.69 13.85
N LEU B 57 8.12 -19.67 14.05
CA LEU B 57 7.40 -20.92 14.23
C LEU B 57 6.16 -21.04 13.38
N ASP B 58 5.81 -22.27 13.05
CA ASP B 58 4.53 -22.51 12.42
C ASP B 58 4.05 -23.88 12.80
N ALA B 59 2.74 -24.04 12.78
CA ALA B 59 2.13 -25.35 13.05
C ALA B 59 2.43 -26.38 11.95
N ASP B 60 2.71 -25.92 10.73
CA ASP B 60 2.93 -26.82 9.59
C ASP B 60 4.41 -26.87 9.19
N LYS B 61 5.11 -27.94 9.58
CA LYS B 61 6.56 -27.99 9.35
C LYS B 61 6.90 -28.08 7.86
N SER B 62 6.00 -28.65 7.07
CA SER B 62 6.26 -28.82 5.65
C SER B 62 6.47 -27.47 4.94
N ARG B 63 5.75 -26.46 5.39
CA ARG B 63 5.82 -25.12 4.78
C ARG B 63 7.21 -24.51 4.89
N MET B 64 7.91 -24.86 5.97
CA MET B 64 9.19 -24.25 6.29
C MET B 64 10.36 -25.05 5.72
N GLU B 65 10.06 -26.16 5.04
CA GLU B 65 11.10 -27.08 4.61
C GLU B 65 12.20 -26.40 3.79
N LYS B 66 11.81 -25.74 2.72
CA LYS B 66 12.77 -25.14 1.80
C LYS B 66 13.62 -24.05 2.44
N ILE B 67 12.97 -23.08 3.08
CA ILE B 67 13.71 -21.95 3.63
C ILE B 67 14.59 -22.39 4.80
N SER B 68 14.11 -23.31 5.62
CA SER B 68 14.90 -23.74 6.77
C SER B 68 16.16 -24.48 6.35
N ALA B 69 16.09 -25.24 5.26
CA ALA B 69 17.25 -25.94 4.74
C ALA B 69 18.29 -24.91 4.26
N LYS B 70 17.82 -23.92 3.51
CA LYS B 70 18.66 -22.83 3.01
C LYS B 70 19.34 -22.09 4.17
N ALA B 71 18.56 -21.73 5.18
CA ALA B 71 19.08 -20.95 6.31
C ALA B 71 20.10 -21.74 7.14
N ALA B 72 20.03 -23.07 7.10
CA ALA B 72 20.91 -23.90 7.92
C ALA B 72 22.21 -24.23 7.18
N ALA B 73 22.28 -23.89 5.90
CA ALA B 73 23.48 -24.12 5.12
C ALA B 73 24.54 -23.05 5.44
N LYS B 74 25.69 -23.11 4.78
CA LYS B 74 26.68 -22.06 4.97
C LYS B 74 26.15 -20.78 4.32
N PRO B 75 26.68 -19.64 4.72
CA PRO B 75 26.18 -18.35 4.24
C PRO B 75 26.14 -18.24 2.72
N ALA B 76 27.15 -18.76 2.03
CA ALA B 76 27.18 -18.65 0.57
C ALA B 76 26.00 -19.34 -0.11
N LYS B 77 25.39 -20.31 0.57
CA LYS B 77 24.22 -20.98 0.03
C LYS B 77 22.91 -20.38 0.57
N GLY B 78 23.02 -19.32 1.38
CA GLY B 78 21.84 -18.69 1.95
C GLY B 78 21.73 -18.86 3.46
N GLY B 79 22.73 -19.48 4.06
CA GLY B 79 22.71 -19.72 5.49
C GLY B 79 22.68 -18.46 6.34
N LEU B 80 21.91 -18.54 7.43
CA LEU B 80 21.87 -17.47 8.42
C LEU B 80 21.96 -18.10 9.80
N PRO B 81 23.08 -17.88 10.50
CA PRO B 81 23.27 -18.55 11.78
C PRO B 81 22.36 -18.02 12.89
N ASN B 82 21.76 -16.86 12.69
CA ASN B 82 20.91 -16.22 13.69
C ASN B 82 19.42 -16.45 13.41
N LEU B 83 19.10 -17.55 12.75
CA LEU B 83 17.72 -17.83 12.37
C LEU B 83 17.38 -19.27 12.75
N LEU B 84 16.28 -19.44 13.48
CA LEU B 84 15.84 -20.74 13.97
C LEU B 84 14.36 -20.94 13.64
N TYR B 85 14.04 -21.97 12.86
CA TYR B 85 12.66 -22.34 12.58
C TYR B 85 12.24 -23.46 13.51
N LEU B 86 11.09 -23.30 14.16
CA LEU B 86 10.59 -24.28 15.10
C LEU B 86 9.19 -24.73 14.72
N TRP B 87 8.89 -25.99 15.01
CA TRP B 87 7.58 -26.55 14.74
C TRP B 87 6.73 -26.41 15.98
N ALA B 88 5.76 -25.49 15.96
CA ALA B 88 4.94 -25.24 17.14
C ALA B 88 3.70 -24.44 16.80
N THR B 89 2.66 -24.59 17.60
CA THR B 89 1.46 -23.76 17.46
C THR B 89 1.47 -22.59 18.44
N ALA B 90 0.67 -21.57 18.15
CA ALA B 90 0.50 -20.45 19.06
C ALA B 90 -0.16 -20.90 20.37
N GLU B 91 -0.96 -21.96 20.31
CA GLU B 91 -1.58 -22.51 21.51
C GLU B 91 -0.57 -23.16 22.45
N ARG B 92 0.49 -23.71 21.88
CA ARG B 92 1.51 -24.42 22.64
C ARG B 92 2.89 -23.93 22.27
N LEU B 93 3.20 -22.70 22.66
CA LEU B 93 4.46 -22.11 22.27
C LEU B 93 5.66 -22.83 22.89
N PRO B 94 6.81 -22.74 22.22
CA PRO B 94 8.05 -23.28 22.78
C PRO B 94 8.36 -22.54 24.07
N PRO B 95 9.17 -23.15 24.93
CA PRO B 95 9.49 -22.58 26.24
C PRO B 95 10.49 -21.43 26.12
N LEU B 96 10.13 -20.42 25.34
CA LEU B 96 11.02 -19.27 25.16
C LEU B 96 10.77 -18.26 26.27
N SER B 97 11.78 -17.48 26.61
N SER B 97 11.77 -17.45 26.56
CA SER B 97 11.60 -16.40 27.57
CA SER B 97 11.64 -16.41 27.56
C SER B 97 12.42 -15.19 27.16
C SER B 97 12.38 -15.17 27.09
N GLY B 98 11.92 -14.01 27.52
CA GLY B 98 12.64 -12.77 27.28
C GLY B 98 12.71 -12.32 25.83
N VAL B 99 11.76 -12.76 25.01
CA VAL B 99 11.71 -12.27 23.62
C VAL B 99 11.54 -10.74 23.67
N GLY B 100 12.22 -10.04 22.75
CA GLY B 100 12.21 -8.59 22.75
C GLY B 100 11.35 -7.93 21.69
N GLU B 101 10.94 -8.73 20.71
CA GLU B 101 10.12 -8.22 19.62
C GLU B 101 9.34 -9.38 19.04
N LEU B 102 8.04 -9.17 18.88
CA LEU B 102 7.14 -10.25 18.49
C LEU B 102 6.34 -9.82 17.25
N HIS B 103 6.34 -10.67 16.24
CA HIS B 103 5.57 -10.41 15.02
C HIS B 103 4.50 -11.46 14.81
N VAL B 104 3.31 -11.01 14.40
CA VAL B 104 2.27 -11.92 13.94
C VAL B 104 1.75 -11.32 12.65
N LEU B 105 2.10 -11.92 11.52
CA LEU B 105 1.79 -11.30 10.23
C LEU B 105 0.75 -12.08 9.45
N MET B 106 -0.30 -11.40 9.02
CA MET B 106 -1.32 -12.03 8.17
C MET B 106 -1.92 -13.31 8.78
N PRO B 107 -2.30 -13.26 10.06
CA PRO B 107 -2.81 -14.51 10.66
C PRO B 107 -4.15 -14.92 10.08
N TRP B 108 -4.41 -16.23 10.11
CA TRP B 108 -5.76 -16.73 9.93
C TRP B 108 -5.98 -17.89 10.90
N GLY B 109 -7.18 -18.48 10.87
CA GLY B 109 -7.47 -19.59 11.76
C GLY B 109 -7.46 -19.17 13.22
N SER B 110 -7.06 -20.08 14.10
CA SER B 110 -7.15 -19.82 15.53
C SER B 110 -6.25 -18.68 15.97
N LEU B 111 -5.15 -18.46 15.24
CA LEU B 111 -4.23 -17.37 15.59
C LEU B 111 -4.91 -16.02 15.34
N LEU B 112 -5.68 -15.93 14.26
CA LEU B 112 -6.42 -14.70 14.00
C LEU B 112 -7.49 -14.50 15.06
N ARG B 113 -8.24 -15.56 15.35
CA ARG B 113 -9.23 -15.46 16.41
CA ARG B 113 -9.23 -15.48 16.42
C ARG B 113 -8.56 -14.98 17.70
N GLY B 114 -7.37 -15.50 17.98
CA GLY B 114 -6.63 -15.14 19.16
C GLY B 114 -6.24 -13.67 19.24
N VAL B 115 -5.75 -13.10 18.13
CA VAL B 115 -5.31 -11.71 18.14
C VAL B 115 -6.45 -10.71 18.08
N LEU B 116 -7.68 -11.19 17.93
CA LEU B 116 -8.81 -10.29 18.04
C LEU B 116 -9.17 -10.08 19.52
N GLY B 117 -8.69 -11.01 20.35
CA GLY B 117 -8.74 -10.81 21.79
C GLY B 117 -10.12 -10.93 22.43
N SER B 118 -11.04 -11.63 21.78
CA SER B 118 -12.35 -11.82 22.39
C SER B 118 -12.19 -12.65 23.66
N SER B 119 -11.22 -13.55 23.63
CA SER B 119 -10.72 -14.22 24.82
C SER B 119 -9.24 -13.89 24.93
N PRO B 120 -8.75 -13.68 26.15
CA PRO B 120 -7.35 -13.21 26.29
C PRO B 120 -6.26 -14.30 26.34
N GLU B 121 -6.62 -15.58 26.30
CA GLU B 121 -5.65 -16.65 26.55
CA GLU B 121 -5.64 -16.63 26.57
C GLU B 121 -4.49 -16.69 25.55
N MET B 122 -4.80 -16.56 24.27
CA MET B 122 -3.71 -16.64 23.30
C MET B 122 -2.78 -15.44 23.35
N LEU B 123 -3.34 -14.24 23.45
CA LEU B 123 -2.52 -13.05 23.66
C LEU B 123 -1.65 -13.17 24.92
N ARG B 124 -2.22 -13.71 26.00
CA ARG B 124 -1.44 -13.87 27.22
C ARG B 124 -0.34 -14.91 27.03
N GLY B 125 -0.62 -15.95 26.25
CA GLY B 125 0.36 -16.97 26.00
C GLY B 125 1.54 -16.45 25.20
N MET B 126 1.25 -15.58 24.24
CA MET B 126 2.32 -14.96 23.49
C MET B 126 3.08 -13.96 24.34
N ALA B 127 2.38 -13.21 25.19
CA ALA B 127 3.06 -12.22 26.01
C ALA B 127 4.01 -12.94 26.97
N ALA B 128 3.64 -14.17 27.32
CA ALA B 128 4.37 -14.96 28.31
C ALA B 128 5.84 -15.16 27.93
N VAL B 129 6.09 -15.31 26.63
CA VAL B 129 7.46 -15.56 26.18
C VAL B 129 8.26 -14.28 25.97
N CYS B 130 7.60 -13.13 26.13
CA CYS B 130 8.26 -11.84 25.92
C CYS B 130 8.66 -11.19 27.24
N ARG B 131 9.71 -10.39 27.24
CA ARG B 131 9.95 -9.54 28.40
C ARG B 131 8.97 -8.36 28.39
N PRO B 132 8.62 -7.87 29.58
CA PRO B 132 7.88 -6.61 29.63
C PRO B 132 8.72 -5.56 28.89
N GLY B 133 8.09 -4.78 28.03
CA GLY B 133 8.80 -3.80 27.23
C GLY B 133 9.08 -4.26 25.81
N ALA B 134 8.85 -5.55 25.54
CA ALA B 134 9.03 -6.05 24.19
C ALA B 134 8.10 -5.31 23.24
N SER B 135 8.54 -5.13 22.01
CA SER B 135 7.67 -4.51 21.01
CA SER B 135 7.70 -4.51 20.98
C SER B 135 6.89 -5.59 20.28
N PHE B 136 5.73 -5.22 19.76
CA PHE B 136 4.96 -6.15 18.93
C PHE B 136 4.44 -5.49 17.66
N LEU B 137 4.22 -6.33 16.66
CA LEU B 137 3.57 -5.94 15.41
C LEU B 137 2.62 -7.05 15.05
N VAL B 138 1.33 -6.72 14.97
CA VAL B 138 0.33 -7.64 14.46
C VAL B 138 -0.19 -7.02 13.18
N ALA B 139 0.04 -7.70 12.06
CA ALA B 139 -0.39 -7.16 10.77
C ALA B 139 -1.59 -7.97 10.32
N LEU B 140 -2.77 -7.37 10.44
CA LEU B 140 -4.00 -8.07 10.12
C LEU B 140 -4.25 -8.01 8.62
N ASN B 141 -4.48 -9.16 8.05
CA ASN B 141 -4.95 -9.27 6.68
C ASN B 141 -6.44 -8.97 6.69
N LEU B 142 -6.81 -7.79 6.19
CA LEU B 142 -8.19 -7.34 6.25
C LEU B 142 -9.13 -8.16 5.35
N HIS B 143 -8.57 -9.01 4.49
CA HIS B 143 -9.41 -9.83 3.65
C HIS B 143 -10.12 -10.92 4.44
N ALA B 144 -9.75 -11.08 5.70
CA ALA B 144 -10.52 -11.95 6.60
C ALA B 144 -11.92 -11.41 6.83
N TRP B 145 -12.17 -10.19 6.35
CA TRP B 145 -13.50 -9.57 6.46
C TRP B 145 -14.10 -9.26 5.11
N ARG B 146 -13.51 -9.82 4.05
CA ARG B 146 -13.92 -9.49 2.69
C ARG B 146 -14.17 -10.72 1.85
N PRO B 147 -15.17 -11.54 2.23
CA PRO B 147 -16.12 -11.41 3.33
C PRO B 147 -15.63 -12.10 4.61
N SER B 148 -16.38 -11.92 5.70
CA SER B 148 -15.95 -12.47 6.98
C SER B 148 -15.74 -13.97 6.92
N VAL B 149 -14.57 -14.40 7.38
CA VAL B 149 -14.25 -15.82 7.50
C VAL B 149 -14.78 -16.32 8.84
N PRO B 150 -14.96 -17.64 8.99
CA PRO B 150 -15.55 -18.13 10.24
C PRO B 150 -14.83 -17.66 11.52
N GLU B 151 -13.50 -17.55 11.48
CA GLU B 151 -12.75 -17.29 12.71
C GLU B 151 -12.83 -15.85 13.22
N VAL B 152 -13.34 -14.92 12.42
CA VAL B 152 -13.55 -13.56 12.92
C VAL B 152 -14.94 -13.37 13.51
N GLY B 153 -15.78 -14.41 13.41
CA GLY B 153 -17.11 -14.35 14.00
C GLY B 153 -17.86 -13.10 13.59
N GLU B 154 -18.42 -12.40 14.57
CA GLU B 154 -19.19 -11.18 14.31
C GLU B 154 -18.37 -9.89 14.42
N HIS B 155 -17.04 -10.01 14.52
CA HIS B 155 -16.20 -8.81 14.56
C HIS B 155 -16.28 -8.06 13.24
N PRO B 156 -16.41 -6.72 13.29
CA PRO B 156 -16.37 -5.88 12.09
C PRO B 156 -14.93 -5.74 11.57
N GLU B 157 -14.75 -5.41 10.30
CA GLU B 157 -13.41 -5.19 9.80
C GLU B 157 -12.78 -4.04 10.59
N PRO B 158 -11.65 -4.29 11.26
CA PRO B 158 -11.02 -3.22 12.05
C PRO B 158 -10.41 -2.14 11.19
N THR B 159 -10.42 -0.92 11.71
CA THR B 159 -9.81 0.23 11.07
C THR B 159 -8.96 0.92 12.13
N PRO B 160 -8.18 1.93 11.73
CA PRO B 160 -7.41 2.65 12.75
C PRO B 160 -8.27 3.08 13.94
N ASP B 161 -9.52 3.48 13.69
CA ASP B 161 -10.38 3.91 14.79
C ASP B 161 -10.83 2.77 15.70
N SER B 162 -10.71 1.52 15.24
CA SER B 162 -11.07 0.37 16.05
C SER B 162 -10.18 0.21 17.28
N ALA B 163 -9.01 0.85 17.25
CA ALA B 163 -8.10 0.79 18.38
C ALA B 163 -8.78 1.35 19.64
N ASP B 164 -9.26 2.58 19.54
CA ASP B 164 -9.93 3.19 20.68
C ASP B 164 -11.25 2.50 20.97
N GLU B 165 -11.95 2.08 19.92
CA GLU B 165 -13.28 1.49 20.04
C GLU B 165 -13.29 0.19 20.83
N TRP B 166 -12.39 -0.74 20.49
CA TRP B 166 -12.45 -2.06 21.10
C TRP B 166 -11.15 -2.87 21.19
N LEU B 167 -10.24 -2.68 20.24
CA LEU B 167 -9.00 -3.47 20.25
C LEU B 167 -8.11 -3.13 21.44
N ALA B 168 -7.90 -1.84 21.69
CA ALA B 168 -6.95 -1.46 22.74
C ALA B 168 -7.35 -2.00 24.11
N PRO B 169 -8.64 -1.88 24.47
CA PRO B 169 -9.01 -2.37 25.81
C PRO B 169 -8.84 -3.88 25.95
N ARG B 170 -9.16 -4.63 24.89
CA ARG B 170 -8.97 -6.07 24.91
C ARG B 170 -7.51 -6.43 25.01
N TYR B 171 -6.68 -5.71 24.28
CA TYR B 171 -5.25 -5.95 24.32
C TYR B 171 -4.71 -5.68 25.73
N ALA B 172 -5.14 -4.57 26.32
CA ALA B 172 -4.68 -4.19 27.66
C ALA B 172 -4.99 -5.25 28.71
N GLU B 173 -6.17 -5.84 28.61
CA GLU B 173 -6.58 -6.88 29.55
C GLU B 173 -5.66 -8.10 29.45
N ALA B 174 -5.08 -8.30 28.26
CA ALA B 174 -4.19 -9.42 28.04
C ALA B 174 -2.71 -9.06 28.23
N GLY B 175 -2.46 -7.81 28.63
CA GLY B 175 -1.10 -7.37 28.90
C GLY B 175 -0.37 -6.83 27.69
N TRP B 176 -1.10 -6.42 26.67
CA TRP B 176 -0.50 -5.77 25.51
C TRP B 176 -0.92 -4.30 25.46
N LYS B 177 0.05 -3.40 25.34
N LYS B 177 0.04 -3.40 25.32
CA LYS B 177 -0.25 -1.98 25.18
CA LYS B 177 -0.26 -1.97 25.19
C LYS B 177 -0.29 -1.64 23.70
C LYS B 177 -0.29 -1.58 23.71
N LEU B 178 -1.50 -1.40 23.19
CA LEU B 178 -1.69 -1.07 21.78
C LEU B 178 -1.46 0.42 21.62
N ALA B 179 -0.35 0.78 20.99
CA ALA B 179 0.07 2.18 20.91
C ALA B 179 -0.29 2.82 19.58
N ASP B 180 -0.32 2.03 18.52
CA ASP B 180 -0.57 2.56 17.19
CA ASP B 180 -0.58 2.56 17.19
C ASP B 180 -1.35 1.57 16.34
N CYS B 181 -2.23 2.10 15.51
N CYS B 181 -2.17 2.10 15.44
CA CYS B 181 -2.97 1.31 14.54
CA CYS B 181 -2.99 1.29 14.55
C CYS B 181 -2.99 2.12 13.26
C CYS B 181 -3.19 2.01 13.23
N ARG B 182 -2.57 1.50 12.17
CA ARG B 182 -2.57 2.21 10.89
C ARG B 182 -2.57 1.27 9.69
N TYR B 183 -3.15 1.73 8.59
CA TYR B 183 -3.08 0.97 7.36
C TYR B 183 -1.66 0.96 6.82
N LEU B 184 -1.28 -0.17 6.22
CA LEU B 184 -0.04 -0.28 5.48
C LEU B 184 -0.34 -0.24 3.98
N GLU B 185 0.41 0.60 3.26
CA GLU B 185 0.35 0.61 1.81
C GLU B 185 0.79 -0.76 1.30
N PRO B 186 0.29 -1.17 0.13
CA PRO B 186 0.71 -2.47 -0.43
C PRO B 186 2.23 -2.59 -0.54
N GLU B 187 2.92 -1.50 -0.88
CA GLU B 187 4.38 -1.51 -0.94
C GLU B 187 5.01 -1.78 0.44
N GLU B 188 4.37 -1.29 1.51
CA GLU B 188 4.88 -1.55 2.85
C GLU B 188 4.70 -3.01 3.24
N VAL B 189 3.57 -3.58 2.84
CA VAL B 189 3.29 -4.99 3.06
C VAL B 189 4.34 -5.81 2.31
N ALA B 190 4.62 -5.42 1.08
CA ALA B 190 5.62 -6.12 0.27
C ALA B 190 6.97 -6.12 0.98
N GLY B 191 7.27 -5.03 1.70
CA GLY B 191 8.54 -4.88 2.38
C GLY B 191 8.71 -5.82 3.55
N LEU B 192 7.60 -6.39 4.03
CA LEU B 192 7.64 -7.38 5.10
C LEU B 192 8.16 -8.72 4.58
N GLU B 193 8.11 -8.89 3.27
CA GLU B 193 8.50 -10.13 2.60
C GLU B 193 7.78 -11.38 3.10
N THR B 194 6.45 -11.35 3.12
CA THR B 194 5.71 -12.58 3.34
C THR B 194 5.17 -13.13 2.01
N SER B 195 4.80 -14.40 2.02
CA SER B 195 4.25 -15.05 0.83
C SER B 195 2.94 -14.37 0.42
N TRP B 196 2.39 -13.54 1.28
CA TRP B 196 1.09 -12.95 0.99
C TRP B 196 1.12 -11.82 -0.03
N THR B 197 2.31 -11.28 -0.31
CA THR B 197 2.45 -10.21 -1.27
C THR B 197 1.90 -10.63 -2.63
N ARG B 198 2.26 -11.84 -3.05
CA ARG B 198 1.78 -12.35 -4.33
C ARG B 198 0.26 -12.51 -4.35
N ARG B 199 -0.31 -13.05 -3.27
CA ARG B 199 -1.77 -13.24 -3.20
C ARG B 199 -2.49 -11.89 -3.24
N LEU B 200 -1.92 -10.90 -2.56
CA LEU B 200 -2.53 -9.58 -2.51
C LEU B 200 -2.28 -8.71 -3.73
N HIS B 201 -1.39 -9.14 -4.62
CA HIS B 201 -1.00 -8.32 -5.76
C HIS B 201 -2.18 -7.93 -6.65
N SER B 202 -3.15 -8.84 -6.77
CA SER B 202 -4.33 -8.62 -7.61
C SER B 202 -5.45 -7.87 -6.90
N SER B 203 -5.25 -7.55 -5.63
CA SER B 203 -6.27 -6.82 -4.88
C SER B 203 -6.49 -5.47 -5.49
N ARG B 204 -7.75 -5.02 -5.51
CA ARG B 204 -8.03 -3.67 -5.97
C ARG B 204 -8.54 -2.79 -4.83
N ASP B 205 -8.45 -3.32 -3.60
CA ASP B 205 -8.79 -2.51 -2.43
C ASP B 205 -7.71 -1.46 -2.19
N ARG B 206 -8.06 -0.39 -1.50
CA ARG B 206 -7.09 0.66 -1.22
C ARG B 206 -5.97 0.16 -0.31
N PHE B 207 -6.37 -0.53 0.75
CA PHE B 207 -5.43 -1.17 1.66
C PHE B 207 -5.88 -2.61 1.92
N ASP B 208 -4.91 -3.48 2.16
CA ASP B 208 -5.19 -4.88 2.48
C ASP B 208 -4.82 -5.23 3.91
N VAL B 209 -4.02 -4.38 4.55
CA VAL B 209 -3.44 -4.72 5.86
C VAL B 209 -3.52 -3.59 6.86
N LEU B 210 -3.89 -3.93 8.10
CA LEU B 210 -3.88 -2.98 9.21
C LEU B 210 -2.81 -3.40 10.21
N ALA B 211 -1.90 -2.49 10.52
CA ALA B 211 -0.79 -2.79 11.43
C ALA B 211 -1.09 -2.33 12.84
N LEU B 212 -1.01 -3.26 13.79
CA LEU B 212 -1.20 -2.95 15.19
C LEU B 212 0.17 -3.04 15.83
N THR B 213 0.61 -1.97 16.48
CA THR B 213 1.92 -2.00 17.14
C THR B 213 1.84 -1.47 18.56
N GLY B 214 2.82 -1.88 19.36
CA GLY B 214 2.88 -1.42 20.74
C GLY B 214 3.92 -2.22 21.50
N THR B 215 3.68 -2.36 22.80
CA THR B 215 4.65 -2.98 23.70
C THR B 215 3.94 -3.95 24.61
N ILE B 216 4.64 -4.98 25.05
CA ILE B 216 4.10 -5.93 26.01
C ILE B 216 4.20 -5.29 27.40
N SER B 217 3.07 -5.19 28.09
CA SER B 217 3.00 -4.51 29.38
C SER B 217 2.04 -5.26 30.28
N PRO B 218 2.54 -6.28 31.01
N PRO B 218 2.50 -6.36 30.91
CA PRO B 218 1.72 -7.15 31.86
CA PRO B 218 1.65 -7.26 31.70
C PRO B 218 0.98 -6.34 32.93
C PRO B 218 1.24 -6.66 33.04
#